data_6QNM
#
_entry.id   6QNM
#
_cell.length_a   45.219
_cell.length_b   94.800
_cell.length_c   117.093
_cell.angle_alpha   90.00
_cell.angle_beta   90.00
_cell.angle_gamma   90.00
#
_symmetry.space_group_name_H-M   'P 21 21 21'
#
loop_
_entity.id
_entity.type
_entity.pdbx_description
1 polymer 'OXYGEN-BINDING DI-IRON PROTEIN'
2 water water
#
_entity_poly.entity_id   1
_entity_poly.type   'polypeptide(L)'
_entity_poly.pdbx_seq_one_letter_code
;MENNGIDGVVLYEDADHKFIWLGSESKQRKGAVQTMQYLIVDRGRGVLLDPGGVHLFSRVVTAISRFISVDKIDTIFFSH
QDPDVSSGIALWLGITKAKIYISSLWVRFMPHFGIVDISRMVPIPDKGMSISLPSGSNMKCIPSHFMHSPGQFGLYDERS
RILFSGDIGAAVFDDDNETTFVEDFEKHLPLIEGFHVRYMASNKIVSKWVEYVRRLNPLMIAPQHGAIYKDEQVNNFLNW
LSGLKCGTDYIENLF
;
_entity_poly.pdbx_strand_id   A,B
#
# COMPACT_ATOMS: atom_id res chain seq x y z
N ASN A 4 -29.93 9.83 -6.04
CA ASN A 4 -28.97 8.78 -6.34
C ASN A 4 -28.43 8.92 -7.75
N GLY A 5 -27.35 9.67 -7.90
CA GLY A 5 -26.79 9.92 -9.22
C GLY A 5 -25.74 8.91 -9.64
N ILE A 6 -26.15 7.66 -9.83
CA ILE A 6 -25.25 6.59 -10.25
C ILE A 6 -25.88 5.86 -11.44
N ASP A 7 -25.08 5.64 -12.47
CA ASP A 7 -25.51 4.95 -13.68
C ASP A 7 -24.87 3.57 -13.72
N GLY A 8 -25.62 2.60 -14.26
CA GLY A 8 -25.06 1.28 -14.48
C GLY A 8 -24.95 1.02 -15.97
N VAL A 9 -23.74 0.73 -16.43
CA VAL A 9 -23.47 0.48 -17.84
C VAL A 9 -22.96 -0.95 -17.97
N VAL A 10 -23.71 -1.77 -18.70
CA VAL A 10 -23.33 -3.15 -18.97
C VAL A 10 -22.29 -3.15 -20.09
N LEU A 11 -21.07 -3.60 -19.79
CA LEU A 11 -20.03 -3.68 -20.79
C LEU A 11 -20.08 -4.98 -21.59
N TYR A 12 -20.65 -6.04 -21.02
CA TYR A 12 -20.81 -7.33 -21.68
C TYR A 12 -22.01 -8.04 -21.08
N GLU A 13 -22.70 -8.82 -21.90
CA GLU A 13 -23.95 -9.47 -21.48
C GLU A 13 -24.23 -10.64 -22.43
N ASP A 14 -24.70 -11.77 -21.89
CA ASP A 14 -24.99 -12.93 -22.72
C ASP A 14 -25.94 -13.96 -22.12
N ALA A 15 -26.90 -13.52 -21.29
CA ALA A 15 -27.97 -14.36 -20.75
C ALA A 15 -27.50 -15.21 -19.57
N ASP A 16 -26.21 -15.56 -19.53
CA ASP A 16 -25.63 -16.20 -18.35
C ASP A 16 -24.74 -15.27 -17.54
N HIS A 17 -24.28 -14.17 -18.11
CA HIS A 17 -23.09 -13.49 -17.60
C HIS A 17 -23.15 -12.02 -17.97
N LYS A 18 -22.85 -11.15 -17.01
CA LYS A 18 -22.80 -9.70 -17.19
C LYS A 18 -21.53 -9.14 -16.55
N PHE A 19 -20.90 -8.19 -17.25
CA PHE A 19 -19.81 -7.39 -16.71
C PHE A 19 -20.28 -5.94 -16.72
N ILE A 20 -20.38 -5.34 -15.53
CA ILE A 20 -21.09 -4.08 -15.33
C ILE A 20 -20.17 -3.03 -14.74
N TRP A 21 -20.21 -1.83 -15.31
CA TRP A 21 -19.55 -0.66 -14.74
C TRP A 21 -20.59 0.18 -14.01
N LEU A 22 -20.29 0.58 -12.78
CA LEU A 22 -21.14 1.49 -12.04
C LEU A 22 -20.37 2.74 -11.72
N GLY A 23 -20.93 3.90 -12.05
CA GLY A 23 -20.27 5.15 -11.75
C GLY A 23 -21.25 6.31 -11.80
N SER A 24 -20.71 7.49 -11.52
CA SER A 24 -21.53 8.70 -11.46
C SER A 24 -21.07 9.74 -12.47
N GLU A 25 -21.34 11.01 -12.13
CA GLU A 25 -20.89 12.15 -12.91
C GLU A 25 -20.56 13.29 -11.95
N SER A 26 -19.50 14.02 -12.26
CA SER A 26 -19.06 15.16 -11.47
C SER A 26 -18.79 14.79 -10.01
N VAL A 33 -17.44 11.94 -15.18
CA VAL A 33 -17.81 10.54 -15.06
C VAL A 33 -16.72 9.82 -14.29
N GLN A 34 -17.04 9.40 -13.07
CA GLN A 34 -16.10 8.68 -12.23
C GLN A 34 -16.56 7.24 -12.07
N THR A 35 -15.61 6.33 -12.15
CA THR A 35 -15.90 4.93 -11.88
C THR A 35 -16.11 4.76 -10.39
N MET A 36 -17.12 4.00 -10.01
CA MET A 36 -17.35 3.73 -8.60
C MET A 36 -17.27 2.26 -8.24
N GLN A 37 -17.64 1.37 -9.16
CA GLN A 37 -17.68 -0.06 -8.86
C GLN A 37 -17.76 -0.89 -10.13
N TYR A 38 -16.95 -1.95 -10.20
CA TYR A 38 -17.10 -2.97 -11.23
C TYR A 38 -17.78 -4.18 -10.61
N LEU A 39 -18.72 -4.76 -11.34
CA LEU A 39 -19.53 -5.86 -10.85
C LEU A 39 -19.71 -6.90 -11.95
N ILE A 40 -19.47 -8.16 -11.60
CA ILE A 40 -19.75 -9.29 -12.47
C ILE A 40 -20.96 -10.02 -11.89
N VAL A 41 -21.92 -10.34 -12.75
CA VAL A 41 -23.05 -11.19 -12.37
C VAL A 41 -23.02 -12.42 -13.27
N ASP A 42 -23.01 -13.59 -12.66
CA ASP A 42 -22.95 -14.85 -13.39
C ASP A 42 -24.03 -15.76 -12.83
N ARG A 43 -24.96 -16.17 -13.69
CA ARG A 43 -26.24 -16.73 -13.27
C ARG A 43 -26.89 -15.68 -12.38
N GLY A 44 -27.15 -15.95 -11.11
CA GLY A 44 -27.70 -14.90 -10.28
C GLY A 44 -26.77 -14.47 -9.17
N ARG A 45 -25.47 -14.76 -9.31
CA ARG A 45 -24.48 -14.53 -8.27
C ARG A 45 -23.52 -13.42 -8.66
N GLY A 46 -23.04 -12.70 -7.65
CA GLY A 46 -22.28 -11.48 -7.86
C GLY A 46 -20.81 -11.61 -7.48
N VAL A 47 -19.97 -10.87 -8.19
CA VAL A 47 -18.55 -10.69 -7.87
C VAL A 47 -18.27 -9.20 -7.83
N LEU A 48 -17.68 -8.72 -6.74
CA LEU A 48 -17.30 -7.32 -6.59
C LEU A 48 -15.80 -7.19 -6.78
N LEU A 49 -15.38 -6.24 -7.60
CA LEU A 49 -13.97 -5.98 -7.85
C LEU A 49 -13.57 -4.67 -7.18
N ASP A 50 -12.60 -4.75 -6.26
CA ASP A 50 -12.08 -3.59 -5.54
C ASP A 50 -13.19 -2.68 -5.01
N PRO A 51 -14.07 -3.15 -4.14
CA PRO A 51 -15.20 -2.30 -3.73
C PRO A 51 -14.82 -1.00 -3.03
N GLY A 52 -13.92 -1.04 -2.06
CA GLY A 52 -13.36 0.19 -1.52
C GLY A 52 -14.28 1.18 -0.81
N GLY A 53 -14.69 2.23 -1.53
CA GLY A 53 -15.04 3.49 -0.87
C GLY A 53 -16.19 3.35 0.11
N VAL A 54 -16.01 3.97 1.29
CA VAL A 54 -17.11 4.22 2.22
C VAL A 54 -17.96 5.41 1.77
N HIS A 55 -17.31 6.51 1.34
CA HIS A 55 -18.07 7.65 0.85
C HIS A 55 -18.94 7.28 -0.35
N LEU A 56 -18.79 6.07 -0.87
CA LEU A 56 -19.59 5.55 -1.96
C LEU A 56 -20.49 4.39 -1.57
N PHE A 57 -20.39 3.89 -0.34
CA PHE A 57 -20.98 2.59 -0.01
C PHE A 57 -22.48 2.56 -0.25
N SER A 58 -23.23 3.49 0.36
CA SER A 58 -24.69 3.41 0.28
C SER A 58 -25.20 3.68 -1.12
N ARG A 59 -24.49 4.49 -1.91
CA ARG A 59 -24.92 4.74 -3.27
C ARG A 59 -24.47 3.63 -4.21
N VAL A 60 -23.39 2.93 -3.86
CA VAL A 60 -22.96 1.78 -4.65
C VAL A 60 -23.89 0.60 -4.37
N VAL A 61 -24.35 0.45 -3.13
CA VAL A 61 -25.30 -0.62 -2.79
C VAL A 61 -26.58 -0.48 -3.63
N THR A 62 -26.98 0.76 -3.97
CA THR A 62 -28.17 0.90 -4.81
C THR A 62 -27.96 0.37 -6.23
N ALA A 63 -26.91 0.85 -6.87
CA ALA A 63 -26.65 0.48 -8.26
C ALA A 63 -26.48 -1.02 -8.37
N ILE A 64 -25.79 -1.61 -7.40
CA ILE A 64 -25.71 -3.07 -7.34
C ILE A 64 -27.11 -3.67 -7.23
N SER A 65 -27.92 -3.17 -6.29
CA SER A 65 -29.23 -3.76 -6.02
C SER A 65 -30.18 -3.65 -7.18
N ARG A 66 -29.85 -2.87 -8.22
CA ARG A 66 -30.67 -2.85 -9.43
C ARG A 66 -30.38 -4.03 -10.34
N PHE A 67 -29.26 -4.72 -10.10
CA PHE A 67 -28.89 -5.89 -10.88
C PHE A 67 -28.92 -7.18 -10.07
N ILE A 68 -28.74 -7.09 -8.75
CA ILE A 68 -28.63 -8.27 -7.91
C ILE A 68 -28.80 -7.84 -6.46
N SER A 69 -29.45 -8.67 -5.67
CA SER A 69 -29.46 -8.47 -4.24
C SER A 69 -28.06 -8.66 -3.68
N VAL A 70 -27.64 -7.75 -2.80
CA VAL A 70 -26.33 -7.88 -2.15
C VAL A 70 -26.20 -9.21 -1.43
N ASP A 71 -27.33 -9.83 -1.09
CA ASP A 71 -27.43 -11.21 -0.63
C ASP A 71 -26.59 -12.18 -1.46
N LYS A 72 -26.59 -11.98 -2.77
CA LYS A 72 -26.07 -12.96 -3.71
C LYS A 72 -24.68 -12.63 -4.20
N ILE A 73 -23.99 -11.68 -3.55
CA ILE A 73 -22.59 -11.43 -3.87
C ILE A 73 -21.76 -12.46 -3.12
N ASP A 74 -21.15 -13.39 -3.86
CA ASP A 74 -20.40 -14.50 -3.27
C ASP A 74 -18.90 -14.25 -3.18
N THR A 75 -18.38 -13.31 -3.97
CA THR A 75 -16.94 -13.17 -4.12
C THR A 75 -16.57 -11.70 -4.16
N ILE A 76 -15.55 -11.33 -3.41
CA ILE A 76 -14.95 -9.99 -3.47
C ILE A 76 -13.49 -10.16 -3.86
N PHE A 77 -13.07 -9.40 -4.87
CA PHE A 77 -11.69 -9.46 -5.35
C PHE A 77 -11.00 -8.15 -5.01
N PHE A 78 -9.83 -8.25 -4.39
CA PHE A 78 -9.00 -7.09 -4.08
C PHE A 78 -7.72 -7.20 -4.87
N SER A 79 -7.44 -6.19 -5.70
CA SER A 79 -6.24 -6.20 -6.51
C SER A 79 -4.99 -6.14 -5.65
N HIS A 80 -5.05 -5.46 -4.53
CA HIS A 80 -3.91 -5.36 -3.62
C HIS A 80 -4.43 -4.90 -2.27
N GLN A 81 -3.51 -4.66 -1.35
CA GLN A 81 -3.89 -4.10 -0.06
C GLN A 81 -4.02 -2.59 -0.28
N ASP A 82 -5.04 -2.00 0.33
CA ASP A 82 -5.38 -0.64 -0.04
C ASP A 82 -5.59 0.17 1.24
N PRO A 83 -4.92 1.32 1.37
CA PRO A 83 -5.12 2.17 2.55
C PRO A 83 -6.56 2.58 2.79
N ASP A 84 -7.43 2.41 1.80
CA ASP A 84 -8.88 2.56 1.89
C ASP A 84 -9.45 2.32 3.29
N VAL A 85 -9.95 1.10 3.52
CA VAL A 85 -10.42 0.72 4.84
C VAL A 85 -9.87 -0.66 5.18
N SER A 86 -9.91 -1.02 6.47
CA SER A 86 -10.59 -0.38 7.62
C SER A 86 -12.05 -0.15 7.33
N SER A 87 -12.51 1.08 7.53
CA SER A 87 -13.92 1.36 7.27
C SER A 87 -14.15 1.22 5.77
N GLY A 88 -14.61 0.04 5.37
CA GLY A 88 -14.97 -0.26 4.00
C GLY A 88 -15.19 -1.74 3.82
N ILE A 89 -14.22 -2.56 4.23
CA ILE A 89 -14.39 -4.00 4.17
C ILE A 89 -15.49 -4.43 5.13
N ALA A 90 -15.50 -3.84 6.33
CA ALA A 90 -16.46 -4.22 7.38
C ALA A 90 -17.89 -4.21 6.86
N LEU A 91 -18.27 -3.15 6.13
CA LEU A 91 -19.64 -3.08 5.64
C LEU A 91 -19.89 -4.14 4.58
N TRP A 92 -18.93 -4.35 3.68
CA TRP A 92 -19.11 -5.34 2.63
C TRP A 92 -19.11 -6.75 3.22
N LEU A 93 -18.28 -6.99 4.23
CA LEU A 93 -18.33 -8.27 4.93
C LEU A 93 -19.60 -8.43 5.76
N GLY A 94 -20.27 -7.33 6.12
CA GLY A 94 -21.44 -7.39 6.95
C GLY A 94 -22.74 -7.61 6.21
N ILE A 95 -22.85 -7.04 5.01
CA ILE A 95 -24.06 -7.18 4.21
C ILE A 95 -23.91 -8.28 3.17
N THR A 96 -22.70 -8.71 2.88
CA THR A 96 -22.47 -9.85 2.01
C THR A 96 -21.94 -11.00 2.86
N LYS A 97 -22.14 -12.20 2.38
CA LYS A 97 -21.55 -13.40 2.93
C LYS A 97 -20.40 -13.89 2.05
N ALA A 98 -19.76 -12.95 1.37
CA ALA A 98 -18.82 -13.25 0.29
C ALA A 98 -17.45 -13.67 0.81
N LYS A 99 -16.77 -14.47 0.00
CA LYS A 99 -15.34 -14.75 0.16
C LYS A 99 -14.52 -13.61 -0.40
N ILE A 100 -13.37 -13.34 0.22
CA ILE A 100 -12.46 -12.29 -0.22
C ILE A 100 -11.21 -12.94 -0.78
N TYR A 101 -10.91 -12.66 -2.04
CA TYR A 101 -9.68 -13.13 -2.67
C TYR A 101 -8.68 -11.98 -2.68
N ILE A 102 -7.49 -12.23 -2.16
CA ILE A 102 -6.43 -11.23 -2.13
C ILE A 102 -5.09 -11.97 -2.09
N SER A 103 -4.04 -11.28 -2.53
CA SER A 103 -2.71 -11.87 -2.57
C SER A 103 -2.34 -12.45 -1.22
N SER A 104 -1.62 -13.57 -1.25
CA SER A 104 -1.18 -14.21 -0.02
C SER A 104 -0.30 -13.27 0.82
N LEU A 105 0.37 -12.31 0.16
CA LEU A 105 1.25 -11.38 0.87
C LEU A 105 0.51 -10.58 1.94
N TRP A 106 -0.79 -10.35 1.76
CA TRP A 106 -1.55 -9.47 2.63
C TRP A 106 -2.48 -10.19 3.60
N VAL A 107 -2.68 -11.50 3.45
CA VAL A 107 -3.66 -12.22 4.27
C VAL A 107 -3.37 -12.07 5.76
N ARG A 108 -2.10 -12.21 6.16
CA ARG A 108 -1.78 -12.14 7.58
C ARG A 108 -1.98 -10.74 8.15
N PHE A 109 -1.82 -9.69 7.33
CA PHE A 109 -1.86 -8.33 7.84
C PHE A 109 -3.25 -7.71 7.84
N MET A 110 -4.23 -8.33 7.19
CA MET A 110 -5.51 -7.64 7.04
C MET A 110 -6.31 -7.51 8.35
N PRO A 111 -6.13 -8.41 9.34
CA PRO A 111 -6.66 -8.10 10.68
C PRO A 111 -5.94 -6.96 11.38
N HIS A 112 -5.95 -5.77 10.79
CA HIS A 112 -5.31 -4.61 11.40
C HIS A 112 -6.02 -3.33 10.98
N ILE A 115 -10.77 -6.82 8.46
CA ILE A 115 -10.97 -8.25 8.30
C ILE A 115 -10.28 -9.02 9.40
N VAL A 116 -10.85 -9.00 10.61
CA VAL A 116 -10.29 -9.81 11.69
C VAL A 116 -10.56 -11.28 11.47
N ASP A 117 -11.60 -11.63 10.71
CA ASP A 117 -11.94 -13.03 10.44
C ASP A 117 -11.10 -13.50 9.26
N ILE A 118 -9.99 -14.19 9.56
CA ILE A 118 -9.14 -14.75 8.53
C ILE A 118 -9.86 -15.80 7.69
N SER A 119 -10.95 -16.37 8.20
CA SER A 119 -11.62 -17.44 7.49
C SER A 119 -12.23 -16.93 6.19
N ARG A 120 -12.57 -15.63 6.13
CA ARG A 120 -13.23 -15.08 4.97
C ARG A 120 -12.28 -14.79 3.81
N MET A 121 -10.97 -14.91 4.00
CA MET A 121 -10.02 -14.54 2.98
C MET A 121 -9.40 -15.77 2.34
N VAL A 122 -9.23 -15.72 1.03
CA VAL A 122 -8.64 -16.77 0.22
C VAL A 122 -7.33 -16.24 -0.35
N PRO A 123 -6.18 -16.81 0.03
CA PRO A 123 -4.90 -16.27 -0.46
C PRO A 123 -4.64 -16.64 -1.91
N ILE A 124 -4.36 -15.64 -2.73
CA ILE A 124 -4.01 -15.85 -4.14
C ILE A 124 -2.50 -16.11 -4.20
N PRO A 125 -2.05 -17.26 -4.72
CA PRO A 125 -0.61 -17.48 -4.85
C PRO A 125 -0.02 -16.60 -5.93
N ASP A 126 1.31 -16.44 -5.86
CA ASP A 126 1.99 -15.40 -6.63
C ASP A 126 1.75 -15.53 -8.13
N LYS A 127 1.67 -16.75 -8.64
CA LYS A 127 1.50 -16.96 -10.07
C LYS A 127 0.04 -17.00 -10.50
N GLY A 128 -0.88 -16.68 -9.59
CA GLY A 128 -2.28 -16.62 -9.93
C GLY A 128 -3.01 -17.92 -9.69
N MET A 129 -4.30 -17.89 -10.00
CA MET A 129 -5.18 -19.04 -9.85
C MET A 129 -6.46 -18.75 -10.61
N SER A 130 -7.24 -19.80 -10.86
CA SER A 130 -8.53 -19.66 -11.50
C SER A 130 -9.63 -19.71 -10.44
N ILE A 131 -10.71 -18.99 -10.71
CA ILE A 131 -11.88 -18.98 -9.85
C ILE A 131 -13.07 -19.33 -10.73
N SER A 132 -13.74 -20.43 -10.40
CA SER A 132 -14.83 -20.93 -11.23
C SER A 132 -16.10 -20.15 -10.93
N LEU A 133 -16.90 -19.94 -11.97
CA LEU A 133 -18.17 -19.26 -11.90
C LEU A 133 -19.30 -20.25 -12.14
N PRO A 134 -20.52 -19.95 -11.66
CA PRO A 134 -21.62 -20.92 -11.85
C PRO A 134 -21.86 -21.29 -13.30
N SER A 135 -21.73 -20.34 -14.23
CA SER A 135 -21.86 -20.64 -15.64
C SER A 135 -20.85 -21.66 -16.14
N GLY A 136 -19.78 -21.91 -15.37
CA GLY A 136 -18.68 -22.71 -15.82
C GLY A 136 -17.53 -21.92 -16.42
N SER A 137 -17.72 -20.62 -16.65
CA SER A 137 -16.63 -19.75 -17.04
C SER A 137 -15.71 -19.51 -15.85
N ASN A 138 -14.48 -19.10 -16.14
CA ASN A 138 -13.47 -18.86 -15.13
C ASN A 138 -13.02 -17.40 -15.15
N MET A 139 -12.64 -16.90 -13.98
CA MET A 139 -11.92 -15.64 -13.84
C MET A 139 -10.52 -15.97 -13.40
N LYS A 140 -9.52 -15.42 -14.07
CA LYS A 140 -8.14 -15.75 -13.75
C LYS A 140 -7.53 -14.54 -13.05
N CYS A 141 -6.86 -14.78 -11.92
CA CYS A 141 -6.14 -13.72 -11.22
C CYS A 141 -4.80 -13.53 -11.92
N ILE A 142 -4.55 -12.33 -12.44
CA ILE A 142 -3.41 -12.08 -13.32
C ILE A 142 -2.30 -11.47 -12.48
N PRO A 143 -1.14 -12.12 -12.36
CA PRO A 143 -0.06 -11.57 -11.52
C PRO A 143 0.34 -10.18 -11.99
N SER A 144 0.38 -9.24 -11.04
CA SER A 144 0.60 -7.82 -11.33
C SER A 144 1.56 -7.21 -10.31
N HIS A 145 2.45 -8.03 -9.78
CA HIS A 145 3.27 -7.63 -8.63
C HIS A 145 4.20 -6.48 -8.98
N PHE A 146 4.43 -5.62 -8.00
CA PHE A 146 5.32 -4.45 -8.11
C PHE A 146 4.81 -3.45 -9.13
N MET A 147 3.50 -3.42 -9.34
CA MET A 147 2.87 -2.41 -10.21
C MET A 147 1.60 -1.85 -9.57
N HIS A 148 1.69 -1.25 -8.38
CA HIS A 148 2.94 -0.93 -7.69
C HIS A 148 3.19 -1.81 -6.46
N SER A 149 2.14 -2.46 -5.97
CA SER A 149 2.26 -3.20 -4.72
C SER A 149 3.03 -4.50 -4.95
N PRO A 150 3.84 -4.94 -3.97
CA PRO A 150 4.58 -6.20 -4.17
C PRO A 150 3.69 -7.41 -4.32
N GLY A 151 2.47 -7.37 -3.79
CA GLY A 151 1.51 -8.44 -3.97
C GLY A 151 0.24 -7.91 -4.60
N GLN A 152 0.09 -8.13 -5.91
CA GLN A 152 -0.93 -7.42 -6.66
C GLN A 152 -1.43 -8.28 -7.81
N PHE A 153 -2.73 -8.23 -8.08
CA PHE A 153 -3.35 -9.00 -9.14
C PHE A 153 -4.38 -8.16 -9.90
N GLY A 154 -4.50 -8.46 -11.20
CA GLY A 154 -5.69 -8.13 -11.94
C GLY A 154 -6.64 -9.32 -11.99
N LEU A 155 -7.82 -9.10 -12.55
CA LEU A 155 -8.81 -10.16 -12.69
C LEU A 155 -9.31 -10.19 -14.13
N TYR A 156 -9.05 -11.29 -14.82
CA TYR A 156 -9.45 -11.46 -16.21
C TYR A 156 -10.73 -12.26 -16.25
N ASP A 157 -11.82 -11.63 -16.70
CA ASP A 157 -13.09 -12.30 -16.91
C ASP A 157 -13.05 -12.95 -18.28
N GLU A 158 -12.76 -14.25 -18.31
CA GLU A 158 -12.58 -14.95 -19.58
C GLU A 158 -13.81 -14.84 -20.47
N ARG A 159 -15.00 -14.98 -19.88
CA ARG A 159 -16.23 -15.02 -20.67
C ARG A 159 -16.44 -13.71 -21.43
N SER A 160 -16.15 -12.58 -20.78
CA SER A 160 -16.25 -11.28 -21.44
C SER A 160 -14.97 -10.87 -22.13
N ARG A 161 -13.84 -11.49 -21.80
CA ARG A 161 -12.51 -11.10 -22.28
C ARG A 161 -12.16 -9.68 -21.82
N ILE A 162 -12.68 -9.27 -20.68
CA ILE A 162 -12.37 -7.98 -20.07
C ILE A 162 -11.35 -8.21 -18.95
N LEU A 163 -10.23 -7.49 -19.01
CA LEU A 163 -9.23 -7.51 -17.95
C LEU A 163 -9.48 -6.34 -17.02
N PHE A 164 -9.86 -6.62 -15.78
CA PHE A 164 -9.85 -5.61 -14.75
C PHE A 164 -8.42 -5.48 -14.24
N SER A 165 -7.80 -4.31 -14.46
CA SER A 165 -6.37 -4.15 -14.21
C SER A 165 -6.06 -3.44 -12.91
N GLY A 166 -7.08 -3.05 -12.15
CA GLY A 166 -6.83 -2.32 -10.91
C GLY A 166 -6.21 -0.96 -11.20
N ASP A 167 -5.08 -0.68 -10.55
CA ASP A 167 -4.42 0.61 -10.75
C ASP A 167 -3.68 0.68 -12.08
N ILE A 168 -3.41 -0.45 -12.73
CA ILE A 168 -2.64 -0.43 -13.96
C ILE A 168 -3.51 0.16 -15.07
N GLY A 169 -3.00 1.21 -15.72
CA GLY A 169 -3.75 1.95 -16.71
C GLY A 169 -4.72 2.96 -16.14
N ALA A 170 -4.77 3.09 -14.81
CA ALA A 170 -5.77 3.96 -14.20
C ALA A 170 -5.37 5.41 -14.30
N ALA A 171 -6.36 6.27 -14.53
CA ALA A 171 -6.16 7.72 -14.43
C ALA A 171 -6.58 8.14 -13.02
N VAL A 172 -5.71 7.87 -12.06
CA VAL A 172 -5.95 8.33 -10.69
C VAL A 172 -5.67 9.83 -10.71
N PHE A 173 -5.99 10.52 -9.61
CA PHE A 173 -5.86 11.97 -9.45
C PHE A 173 -6.90 12.76 -10.26
N ASP A 174 -7.25 12.28 -11.45
CA ASP A 174 -8.29 12.88 -12.28
C ASP A 174 -9.48 11.95 -12.41
N ASP A 175 -10.65 12.53 -12.64
CA ASP A 175 -11.87 11.79 -12.94
C ASP A 175 -12.71 12.61 -13.91
N ASP A 176 -12.18 12.83 -15.12
CA ASP A 176 -12.80 13.71 -16.12
C ASP A 176 -12.53 13.07 -17.48
N ASN A 177 -13.50 12.27 -17.95
CA ASN A 177 -13.30 11.47 -19.16
C ASN A 177 -14.41 11.65 -20.19
N GLU A 178 -15.61 11.99 -19.72
CA GLU A 178 -16.81 12.16 -20.55
C GLU A 178 -17.37 10.84 -21.08
N THR A 179 -16.50 9.94 -21.54
CA THR A 179 -16.91 8.71 -22.19
C THR A 179 -16.58 7.47 -21.35
N THR A 180 -17.24 6.37 -21.70
CA THR A 180 -16.90 5.08 -21.11
C THR A 180 -15.50 4.63 -21.52
N PHE A 181 -15.16 4.81 -22.80
CA PHE A 181 -13.95 4.26 -23.40
C PHE A 181 -12.98 5.37 -23.82
N VAL A 182 -11.70 5.02 -23.78
CA VAL A 182 -10.64 5.90 -24.29
C VAL A 182 -10.80 6.06 -25.80
N GLU A 183 -10.79 7.30 -26.27
CA GLU A 183 -10.95 7.58 -27.69
C GLU A 183 -9.69 8.06 -28.38
N ASP A 184 -8.73 8.60 -27.64
CA ASP A 184 -7.49 9.10 -28.22
C ASP A 184 -6.37 8.86 -27.23
N PHE A 185 -5.49 7.89 -27.50
CA PHE A 185 -4.50 7.50 -26.51
C PHE A 185 -3.55 8.65 -26.18
N GLU A 186 -3.06 9.36 -27.21
CA GLU A 186 -2.13 10.44 -26.95
C GLU A 186 -2.78 11.56 -26.15
N LYS A 187 -4.09 11.78 -26.35
CA LYS A 187 -4.80 12.73 -25.51
C LYS A 187 -5.07 12.14 -24.13
N HIS A 188 -5.16 10.82 -24.01
CA HIS A 188 -5.34 10.18 -22.72
C HIS A 188 -4.04 10.14 -21.91
N LEU A 189 -2.90 10.19 -22.60
CA LEU A 189 -1.61 9.97 -21.95
C LEU A 189 -1.33 10.91 -20.78
N PRO A 190 -1.60 12.22 -20.84
CA PRO A 190 -1.33 13.08 -19.68
C PRO A 190 -2.02 12.64 -18.40
N LEU A 191 -3.14 11.92 -18.50
CA LEU A 191 -3.88 11.49 -17.31
C LEU A 191 -3.24 10.30 -16.59
N ILE A 192 -2.39 9.53 -17.26
CA ILE A 192 -1.85 8.31 -16.66
C ILE A 192 -0.33 8.31 -16.57
N GLU A 193 0.39 9.14 -17.34
CA GLU A 193 1.83 8.98 -17.46
C GLU A 193 2.53 9.21 -16.12
N GLY A 194 2.20 10.31 -15.43
CA GLY A 194 2.91 10.64 -14.20
C GLY A 194 2.75 9.57 -13.13
N PHE A 195 1.54 9.04 -12.96
CA PHE A 195 1.31 7.99 -11.98
C PHE A 195 2.17 6.76 -12.27
N HIS A 196 2.22 6.34 -13.54
CA HIS A 196 2.92 5.12 -13.89
C HIS A 196 4.43 5.29 -13.80
N VAL A 197 4.93 6.47 -14.17
CA VAL A 197 6.37 6.71 -14.11
C VAL A 197 6.87 6.66 -12.67
N ARG A 198 6.05 7.14 -11.73
CA ARG A 198 6.48 7.21 -10.34
C ARG A 198 6.14 5.96 -9.54
N TYR A 199 5.05 5.26 -9.86
CA TYR A 199 4.56 4.15 -9.05
C TYR A 199 4.97 2.77 -9.56
N MET A 200 5.02 2.54 -10.87
CA MET A 200 5.45 1.24 -11.37
C MET A 200 6.94 1.06 -11.07
N ALA A 201 7.32 -0.16 -10.66
CA ALA A 201 8.63 -0.34 -10.04
C ALA A 201 9.77 -0.17 -11.04
N SER A 202 9.60 -0.63 -12.28
CA SER A 202 10.70 -0.64 -13.24
C SER A 202 10.17 -1.06 -14.60
N ASN A 203 10.89 -0.69 -15.65
CA ASN A 203 10.54 -1.18 -16.97
C ASN A 203 10.66 -2.70 -17.04
N LYS A 204 11.58 -3.29 -16.26
CA LYS A 204 11.72 -4.73 -16.24
C LYS A 204 10.41 -5.43 -15.91
N ILE A 205 9.70 -4.96 -14.89
CA ILE A 205 8.46 -5.63 -14.49
C ILE A 205 7.31 -5.29 -15.43
N VAL A 206 7.19 -4.04 -15.90
CA VAL A 206 6.03 -3.70 -16.71
C VAL A 206 6.11 -4.34 -18.09
N SER A 207 7.32 -4.46 -18.65
CA SER A 207 7.45 -5.08 -19.97
C SER A 207 7.17 -6.58 -19.88
N LYS A 208 7.55 -7.21 -18.78
CA LYS A 208 7.19 -8.62 -18.58
C LYS A 208 5.68 -8.76 -18.41
N TRP A 209 5.06 -7.81 -17.70
CA TRP A 209 3.62 -7.83 -17.52
C TRP A 209 2.89 -7.70 -18.86
N VAL A 210 3.33 -6.77 -19.71
CA VAL A 210 2.70 -6.58 -21.01
C VAL A 210 2.82 -7.85 -21.84
N GLU A 211 4.01 -8.47 -21.84
CA GLU A 211 4.20 -9.73 -22.56
C GLU A 211 3.23 -10.80 -22.07
N TYR A 212 3.04 -10.89 -20.75
CA TYR A 212 2.06 -11.81 -20.19
C TYR A 212 0.65 -11.42 -20.60
N VAL A 213 0.33 -10.13 -20.48
CA VAL A 213 -1.02 -9.68 -20.80
C VAL A 213 -1.29 -9.82 -22.29
N ARG A 214 -0.27 -9.63 -23.13
CA ARG A 214 -0.43 -9.82 -24.57
C ARG A 214 -0.78 -11.27 -24.93
N ARG A 215 -0.34 -12.24 -24.12
CA ARG A 215 -0.65 -13.63 -24.44
C ARG A 215 -2.11 -13.94 -24.13
N LEU A 216 -2.65 -13.39 -23.06
CA LEU A 216 -4.08 -13.18 -23.02
C LEU A 216 -4.36 -12.16 -24.11
N ASN A 217 -5.48 -12.25 -24.79
CA ASN A 217 -5.80 -11.14 -25.69
C ASN A 217 -7.11 -10.57 -25.19
N PRO A 218 -7.06 -9.77 -24.14
CA PRO A 218 -8.30 -9.15 -23.66
C PRO A 218 -8.80 -8.20 -24.72
N LEU A 219 -10.13 -8.17 -24.86
CA LEU A 219 -10.76 -7.18 -25.72
C LEU A 219 -10.85 -5.83 -25.03
N MET A 220 -10.83 -5.82 -23.70
CA MET A 220 -10.88 -4.60 -22.92
C MET A 220 -9.90 -4.69 -21.77
N ILE A 221 -9.32 -3.54 -21.41
CA ILE A 221 -8.58 -3.39 -20.17
C ILE A 221 -9.30 -2.32 -19.38
N ALA A 222 -9.88 -2.71 -18.24
CA ALA A 222 -10.71 -1.80 -17.45
C ALA A 222 -9.99 -1.45 -16.15
N PRO A 223 -9.49 -0.24 -15.99
CA PRO A 223 -8.82 0.14 -14.74
C PRO A 223 -9.82 0.60 -13.70
N GLN A 224 -9.32 0.75 -12.47
CA GLN A 224 -10.20 1.16 -11.37
C GLN A 224 -10.65 2.61 -11.52
N HIS A 225 -9.84 3.45 -12.16
CA HIS A 225 -10.20 4.84 -12.39
C HIS A 225 -9.85 5.23 -13.82
N GLY A 226 -10.72 6.01 -14.46
CA GLY A 226 -10.49 6.48 -15.80
C GLY A 226 -11.13 5.59 -16.84
N ALA A 227 -11.08 6.07 -18.09
CA ALA A 227 -11.76 5.41 -19.19
C ALA A 227 -11.12 4.06 -19.52
N ILE A 228 -11.91 3.21 -20.18
CA ILE A 228 -11.54 1.83 -20.48
C ILE A 228 -10.89 1.76 -21.86
N TYR A 229 -9.86 0.92 -21.97
CA TYR A 229 -9.18 0.68 -23.23
C TYR A 229 -9.88 -0.43 -23.99
N LYS A 230 -10.24 -0.15 -25.25
CA LYS A 230 -10.94 -1.10 -26.10
C LYS A 230 -10.43 -0.92 -27.53
N ASP A 231 -10.69 -1.94 -28.37
CA ASP A 231 -10.30 -1.93 -29.78
C ASP A 231 -8.80 -1.63 -29.87
N GLU A 232 -8.37 -0.67 -30.67
CA GLU A 232 -6.96 -0.37 -30.85
C GLU A 232 -6.31 0.17 -29.59
N GLN A 233 -7.09 0.76 -28.67
CA GLN A 233 -6.50 1.36 -27.48
C GLN A 233 -5.90 0.32 -26.55
N VAL A 234 -6.31 -0.94 -26.67
CA VAL A 234 -5.67 -1.99 -25.89
C VAL A 234 -4.20 -2.12 -26.29
N ASN A 235 -3.93 -2.24 -27.59
CA ASN A 235 -2.55 -2.33 -28.05
C ASN A 235 -1.81 -1.01 -27.90
N ASN A 236 -2.51 0.12 -28.04
CA ASN A 236 -1.87 1.41 -27.80
C ASN A 236 -1.34 1.48 -26.38
N PHE A 237 -2.15 1.06 -25.41
CA PHE A 237 -1.72 1.09 -24.02
C PHE A 237 -0.57 0.11 -23.76
N LEU A 238 -0.72 -1.13 -24.24
CA LEU A 238 0.32 -2.14 -24.00
C LEU A 238 1.63 -1.75 -24.66
N ASN A 239 1.57 -1.19 -25.87
CA ASN A 239 2.80 -0.75 -26.54
C ASN A 239 3.47 0.38 -25.76
N TRP A 240 2.67 1.33 -25.27
CA TRP A 240 3.22 2.43 -24.49
C TRP A 240 3.83 1.92 -23.19
N LEU A 241 3.11 1.04 -22.48
CA LEU A 241 3.58 0.57 -21.19
C LEU A 241 4.85 -0.26 -21.33
N SER A 242 4.94 -1.07 -22.39
CA SER A 242 6.07 -1.98 -22.52
C SER A 242 7.40 -1.25 -22.59
N GLY A 243 7.41 -0.04 -23.17
CA GLY A 243 8.60 0.78 -23.26
C GLY A 243 8.74 1.85 -22.20
N LEU A 244 7.92 1.81 -21.15
CA LEU A 244 7.89 2.90 -20.19
C LEU A 244 9.04 2.78 -19.20
N LYS A 245 9.90 3.80 -19.17
CA LYS A 245 10.90 3.92 -18.10
C LYS A 245 10.22 4.45 -16.85
N CYS A 246 10.37 3.74 -15.74
CA CYS A 246 9.52 4.02 -14.57
C CYS A 246 10.26 3.65 -13.29
N GLY A 247 9.84 4.29 -12.20
CA GLY A 247 10.14 3.80 -10.86
C GLY A 247 11.62 3.87 -10.57
N THR A 248 12.18 2.72 -10.18
CA THR A 248 13.60 2.65 -9.83
C THR A 248 14.51 2.85 -11.04
N ASP A 249 13.98 2.88 -12.27
CA ASP A 249 14.77 3.31 -13.41
C ASP A 249 15.24 4.74 -13.23
N TYR A 250 14.51 5.54 -12.46
CA TYR A 250 14.93 6.90 -12.14
C TYR A 250 15.44 6.95 -10.70
N ILE A 251 16.31 6.01 -10.35
CA ILE A 251 16.81 5.90 -8.99
C ILE A 251 17.49 7.19 -8.55
N GLU A 252 18.01 7.99 -9.50
CA GLU A 252 18.63 9.25 -9.15
C GLU A 252 17.62 10.24 -8.55
N ASN A 253 16.33 10.07 -8.84
CA ASN A 253 15.29 10.92 -8.28
C ASN A 253 14.78 10.44 -6.93
N LEU A 254 15.21 9.27 -6.48
CA LEU A 254 14.68 8.66 -5.27
C LEU A 254 15.61 8.82 -4.07
N PHE A 255 16.80 9.37 -4.26
CA PHE A 255 17.74 9.61 -3.18
C PHE A 255 18.38 10.99 -3.34
N GLY B 5 1.29 -5.39 28.18
CA GLY B 5 1.62 -3.99 28.33
C GLY B 5 1.45 -3.48 29.76
N ILE B 6 2.11 -2.36 30.08
CA ILE B 6 2.93 -1.65 29.11
C ILE B 6 4.32 -1.35 29.70
N ASP B 7 5.37 -1.70 28.97
CA ASP B 7 6.73 -1.42 29.39
C ASP B 7 7.37 -0.41 28.44
N GLY B 8 8.13 0.51 29.02
CA GLY B 8 8.88 1.51 28.25
C GLY B 8 10.38 1.40 28.42
N VAL B 9 11.11 1.31 27.31
CA VAL B 9 12.57 1.21 27.34
C VAL B 9 13.14 2.47 26.71
N VAL B 10 13.91 3.22 27.50
CA VAL B 10 14.58 4.42 27.00
C VAL B 10 15.81 3.97 26.22
N LEU B 11 15.79 4.21 24.91
CA LEU B 11 16.93 3.82 24.09
C LEU B 11 18.04 4.86 24.10
N TYR B 12 17.70 6.12 24.36
CA TYR B 12 18.67 7.20 24.47
C TYR B 12 18.08 8.30 25.32
N GLU B 13 18.95 9.00 26.07
CA GLU B 13 18.50 10.04 26.98
C GLU B 13 19.68 10.96 27.31
N ASP B 14 19.44 12.27 27.36
CA ASP B 14 20.52 13.21 27.66
C ASP B 14 20.02 14.55 28.20
N ALA B 15 18.91 14.54 28.92
CA ALA B 15 18.38 15.70 29.66
C ALA B 15 17.65 16.69 28.75
N ASP B 16 18.02 16.76 27.47
CA ASP B 16 17.27 17.52 26.49
C ASP B 16 16.45 16.65 25.54
N HIS B 17 16.76 15.36 25.45
CA HIS B 17 16.30 14.55 24.32
C HIS B 17 16.22 13.09 24.76
N LYS B 18 15.09 12.45 24.44
CA LYS B 18 14.88 11.05 24.76
C LYS B 18 14.27 10.32 23.57
N PHE B 19 14.74 9.10 23.33
CA PHE B 19 14.16 8.19 22.35
C PHE B 19 13.65 6.96 23.10
N ILE B 20 12.34 6.74 23.05
CA ILE B 20 11.66 5.80 23.93
C ILE B 20 10.98 4.72 23.10
N TRP B 21 11.14 3.47 23.51
CA TRP B 21 10.41 2.33 22.96
C TRP B 21 9.26 1.96 23.89
N LEU B 22 8.08 1.79 23.33
CA LEU B 22 6.89 1.35 24.04
C LEU B 22 6.42 0.03 23.46
N GLY B 23 6.03 -0.90 24.34
CA GLY B 23 5.62 -2.23 23.88
C GLY B 23 4.66 -2.96 24.79
N SER B 24 4.36 -4.22 24.45
CA SER B 24 3.37 -5.01 25.17
C SER B 24 4.03 -6.16 25.92
N GLN B 34 6.85 -7.95 21.70
CA GLN B 34 6.56 -6.89 20.72
C GLN B 34 6.22 -5.42 21.00
N THR B 35 6.79 -4.72 20.02
CA THR B 35 6.75 -3.27 19.87
C THR B 35 5.36 -2.75 19.55
N MET B 36 5.04 -1.66 20.21
CA MET B 36 3.80 -0.94 19.98
C MET B 36 3.98 0.50 19.52
N GLN B 37 5.03 1.19 19.97
CA GLN B 37 5.14 2.62 19.67
C GLN B 37 6.55 3.12 19.99
N TYR B 38 7.10 3.94 19.08
CA TYR B 38 8.31 4.71 19.33
C TYR B 38 7.94 6.17 19.60
N LEU B 39 8.61 6.78 20.58
CA LEU B 39 8.31 8.15 20.97
C LEU B 39 9.60 8.90 21.24
N ILE B 40 9.72 10.09 20.65
CA ILE B 40 10.84 10.99 20.91
C ILE B 40 10.30 12.16 21.72
N VAL B 41 11.02 12.53 22.78
CA VAL B 41 10.73 13.74 23.54
C VAL B 41 11.95 14.64 23.49
N ASP B 42 11.75 15.88 23.08
CA ASP B 42 12.82 16.85 22.96
C ASP B 42 12.37 18.12 23.66
N ARG B 43 13.12 18.54 24.68
CA ARG B 43 12.64 19.48 25.70
C ARG B 43 11.40 18.83 26.29
N GLY B 44 10.22 19.41 26.18
CA GLY B 44 9.03 18.75 26.66
C GLY B 44 8.07 18.43 25.53
N ARG B 45 8.57 18.39 24.30
CA ARG B 45 7.73 18.23 23.12
C ARG B 45 7.92 16.84 22.53
N GLY B 46 6.86 16.30 21.95
CA GLY B 46 6.80 14.91 21.54
C GLY B 46 6.82 14.71 20.04
N VAL B 47 7.40 13.60 19.62
CA VAL B 47 7.38 13.12 18.24
C VAL B 47 6.89 11.68 18.26
N LEU B 48 5.86 11.39 17.46
CA LEU B 48 5.32 10.04 17.34
C LEU B 48 5.76 9.41 16.03
N LEU B 49 6.27 8.18 16.11
CA LEU B 49 6.70 7.43 14.93
C LEU B 49 5.70 6.31 14.69
N ASP B 50 5.09 6.31 13.51
CA ASP B 50 4.12 5.32 13.06
C ASP B 50 3.09 4.98 14.14
N PRO B 51 2.30 5.95 14.62
CA PRO B 51 1.31 5.66 15.66
C PRO B 51 0.25 4.67 15.20
N GLY B 52 -0.22 4.80 13.96
CA GLY B 52 -1.04 3.77 13.35
C GLY B 52 -2.42 3.49 13.90
N GLY B 53 -2.48 2.55 14.85
CA GLY B 53 -3.66 1.72 15.01
C GLY B 53 -4.95 2.50 15.25
N VAL B 54 -6.01 2.06 14.57
CA VAL B 54 -7.36 2.37 15.02
C VAL B 54 -7.69 1.52 16.24
N HIS B 55 -7.43 0.21 16.13
CA HIS B 55 -7.57 -0.74 17.22
C HIS B 55 -6.52 -0.55 18.31
N LEU B 56 -5.51 0.28 18.08
CA LEU B 56 -4.46 0.51 19.07
C LEU B 56 -4.49 1.90 19.66
N PHE B 57 -5.37 2.78 19.17
CA PHE B 57 -5.32 4.19 19.52
C PHE B 57 -5.43 4.38 21.03
N SER B 58 -6.44 3.77 21.65
CA SER B 58 -6.69 3.99 23.07
C SER B 58 -5.53 3.45 23.91
N ARG B 59 -4.84 2.42 23.39
CA ARG B 59 -3.80 1.66 24.05
C ARG B 59 -2.49 2.43 23.98
N VAL B 60 -2.32 3.13 22.86
CA VAL B 60 -1.12 3.92 22.58
C VAL B 60 -1.15 5.26 23.28
N VAL B 61 -2.33 5.88 23.35
CA VAL B 61 -2.46 7.12 24.09
C VAL B 61 -2.15 6.87 25.56
N THR B 62 -2.51 5.68 26.06
CA THR B 62 -2.21 5.35 27.45
C THR B 62 -0.70 5.23 27.66
N ALA B 63 -0.03 4.47 26.79
CA ALA B 63 1.42 4.29 26.91
C ALA B 63 2.14 5.61 26.72
N ILE B 64 1.71 6.43 25.76
CA ILE B 64 2.27 7.76 25.58
C ILE B 64 2.12 8.58 26.85
N SER B 65 0.93 8.55 27.45
CA SER B 65 0.63 9.40 28.61
C SER B 65 1.51 9.10 29.81
N ARG B 66 2.30 8.03 29.78
CA ARG B 66 3.21 7.79 30.88
C ARG B 66 4.48 8.63 30.77
N PHE B 67 4.76 9.19 29.60
CA PHE B 67 5.95 10.00 29.39
C PHE B 67 5.67 11.45 29.00
N ILE B 68 4.51 11.75 28.42
CA ILE B 68 4.27 13.09 27.91
C ILE B 68 2.78 13.28 27.74
N SER B 69 2.33 14.51 28.00
CA SER B 69 0.97 14.90 27.68
C SER B 69 0.78 14.92 26.17
N VAL B 70 -0.31 14.32 25.70
CA VAL B 70 -0.61 14.38 24.27
C VAL B 70 -0.75 15.83 23.81
N ASP B 71 -1.07 16.74 24.73
CA ASP B 71 -1.00 18.18 24.49
C ASP B 71 0.31 18.59 23.84
N LYS B 72 1.42 17.96 24.23
CA LYS B 72 2.76 18.41 23.86
C LYS B 72 3.34 17.66 22.68
N ILE B 73 2.55 16.88 21.95
CA ILE B 73 3.01 16.18 20.75
C ILE B 73 2.91 17.13 19.57
N ASP B 74 4.06 17.53 19.02
CA ASP B 74 4.10 18.49 17.92
C ASP B 74 4.25 17.85 16.56
N THR B 75 4.73 16.60 16.48
CA THR B 75 5.08 16.00 15.21
C THR B 75 4.66 14.53 15.20
N ILE B 76 4.00 14.11 14.13
CA ILE B 76 3.70 12.71 13.87
C ILE B 76 4.30 12.32 12.54
N PHE B 77 5.05 11.22 12.52
CA PHE B 77 5.72 10.72 11.32
C PHE B 77 5.12 9.39 10.91
N PHE B 78 4.77 9.26 9.63
CA PHE B 78 4.27 8.02 9.05
C PHE B 78 5.22 7.55 7.97
N SER B 79 5.73 6.32 8.11
CA SER B 79 6.68 5.80 7.13
C SER B 79 6.05 5.60 5.76
N HIS B 80 4.78 5.19 5.70
CA HIS B 80 4.11 5.00 4.41
C HIS B 80 2.60 4.90 4.62
N GLN B 81 1.89 4.62 3.53
CA GLN B 81 0.44 4.48 3.54
C GLN B 81 0.01 3.09 3.99
N ASP B 82 -1.05 3.06 4.82
CA ASP B 82 -1.55 1.87 5.50
C ASP B 82 -3.05 2.02 5.69
N PRO B 83 -3.86 0.97 5.45
CA PRO B 83 -5.29 1.08 5.81
C PRO B 83 -5.49 1.41 7.27
N ASP B 84 -4.46 1.23 8.08
CA ASP B 84 -4.46 1.65 9.47
C ASP B 84 -3.89 3.05 9.66
N VAL B 85 -3.07 3.53 8.71
CA VAL B 85 -2.59 4.89 8.73
C VAL B 85 -3.74 5.86 8.51
N SER B 86 -4.43 5.70 7.38
CA SER B 86 -5.71 6.38 7.21
C SER B 86 -6.74 5.77 8.18
N SER B 87 -7.76 6.58 8.50
CA SER B 87 -8.80 6.29 9.49
C SER B 87 -8.26 6.58 10.89
N GLY B 88 -6.93 6.50 11.02
CA GLY B 88 -6.20 6.78 12.24
C GLY B 88 -5.83 8.24 12.34
N ILE B 89 -5.46 8.82 11.19
CA ILE B 89 -5.04 10.21 11.14
C ILE B 89 -6.12 11.13 11.71
N ALA B 90 -7.39 10.87 11.39
CA ALA B 90 -8.47 11.67 11.95
C ALA B 90 -8.39 11.71 13.48
N LEU B 91 -8.14 10.56 14.11
CA LEU B 91 -8.09 10.50 15.56
C LEU B 91 -6.91 11.30 16.12
N TRP B 92 -5.75 11.23 15.47
CA TRP B 92 -4.59 11.96 15.97
C TRP B 92 -4.72 13.46 15.76
N LEU B 93 -5.36 13.89 14.67
CA LEU B 93 -5.62 15.31 14.48
C LEU B 93 -6.65 15.84 15.46
N GLY B 94 -7.42 14.96 16.10
CA GLY B 94 -8.45 15.38 17.04
C GLY B 94 -7.93 15.55 18.45
N ILE B 95 -6.94 14.76 18.86
CA ILE B 95 -6.42 14.85 20.23
C ILE B 95 -5.09 15.59 20.34
N THR B 96 -4.34 15.72 19.25
CA THR B 96 -3.13 16.52 19.22
C THR B 96 -3.28 17.70 18.26
N LYS B 97 -2.41 18.69 18.45
CA LYS B 97 -2.25 19.79 17.50
C LYS B 97 -0.99 19.62 16.65
N ALA B 98 -0.58 18.38 16.42
CA ALA B 98 0.68 18.08 15.77
C ALA B 98 0.57 18.18 14.25
N LYS B 99 1.68 18.51 13.61
CA LYS B 99 1.80 18.35 12.17
C LYS B 99 2.09 16.89 11.85
N ILE B 100 1.54 16.39 10.75
CA ILE B 100 1.73 15.01 10.34
C ILE B 100 2.57 14.98 9.08
N TYR B 101 3.71 14.30 9.14
CA TYR B 101 4.61 14.16 8.01
C TYR B 101 4.41 12.80 7.34
N ILE B 102 4.19 12.83 6.02
CA ILE B 102 4.04 11.61 5.23
C ILE B 102 4.43 11.95 3.80
N SER B 103 4.77 10.92 3.02
CA SER B 103 5.20 11.11 1.65
C SER B 103 4.18 11.94 0.86
N SER B 104 4.69 12.77 -0.04
CA SER B 104 3.82 13.58 -0.89
C SER B 104 2.92 12.71 -1.76
N LEU B 105 3.35 11.48 -2.06
CA LEU B 105 2.53 10.59 -2.89
C LEU B 105 1.18 10.31 -2.24
N TRP B 106 1.11 10.32 -0.91
CA TRP B 106 -0.12 9.93 -0.23
C TRP B 106 -0.92 11.11 0.28
N VAL B 107 -0.30 12.29 0.39
CA VAL B 107 -1.04 13.50 0.72
C VAL B 107 -2.06 13.80 -0.37
N ARG B 108 -1.70 13.52 -1.63
CA ARG B 108 -2.55 13.85 -2.76
C ARG B 108 -3.90 13.14 -2.70
N PHE B 109 -3.94 11.94 -2.12
CA PHE B 109 -5.15 11.14 -2.09
C PHE B 109 -6.02 11.42 -0.87
N MET B 110 -5.53 12.21 0.06
CA MET B 110 -6.16 12.38 1.37
C MET B 110 -7.51 13.09 1.36
N PRO B 111 -7.87 13.86 0.32
CA PRO B 111 -9.29 14.21 0.15
C PRO B 111 -10.13 12.96 -0.03
N HIS B 112 -10.17 12.12 1.01
CA HIS B 112 -10.89 10.86 1.01
C HIS B 112 -11.47 10.60 2.40
N ASP B 117 -8.96 18.00 7.68
CA ASP B 117 -8.21 19.23 7.50
C ASP B 117 -6.82 18.97 6.92
N ILE B 118 -6.68 19.17 5.61
CA ILE B 118 -5.40 19.03 4.92
C ILE B 118 -4.34 19.99 5.43
N SER B 119 -4.73 21.02 6.19
CA SER B 119 -3.80 22.07 6.60
C SER B 119 -2.69 21.55 7.51
N ARG B 120 -2.95 20.52 8.29
CA ARG B 120 -1.98 20.01 9.26
C ARG B 120 -0.93 19.08 8.67
N MET B 121 -0.97 18.82 7.36
CA MET B 121 -0.13 17.81 6.75
C MET B 121 1.09 18.42 6.07
N VAL B 122 2.23 17.76 6.23
CA VAL B 122 3.48 18.17 5.59
C VAL B 122 3.86 17.08 4.59
N PRO B 123 3.80 17.35 3.28
CA PRO B 123 4.19 16.34 2.30
C PRO B 123 5.70 16.25 2.22
N ILE B 124 6.23 15.05 2.41
CA ILE B 124 7.67 14.84 2.29
C ILE B 124 7.98 14.63 0.82
N PRO B 125 8.85 15.44 0.22
CA PRO B 125 9.25 15.20 -1.16
C PRO B 125 10.13 13.97 -1.24
N ASP B 126 10.27 13.44 -2.47
CA ASP B 126 10.87 12.12 -2.65
C ASP B 126 12.27 12.03 -2.06
N LYS B 127 13.04 13.12 -2.10
CA LYS B 127 14.42 13.08 -1.61
C LYS B 127 14.54 13.41 -0.13
N GLY B 128 13.42 13.52 0.59
CA GLY B 128 13.47 13.72 2.03
C GLY B 128 13.42 15.18 2.45
N MET B 129 13.47 15.36 3.77
CA MET B 129 13.43 16.69 4.39
C MET B 129 13.86 16.56 5.84
N SER B 130 14.15 17.70 6.45
CA SER B 130 14.51 17.78 7.86
C SER B 130 13.33 18.23 8.71
N ILE B 131 13.34 17.81 9.97
CA ILE B 131 12.36 18.26 10.96
C ILE B 131 13.13 18.80 12.15
N SER B 132 12.95 20.09 12.44
CA SER B 132 13.71 20.74 13.50
C SER B 132 13.09 20.47 14.86
N LEU B 133 13.96 20.28 15.88
CA LEU B 133 13.56 20.04 17.26
C LEU B 133 13.92 21.22 18.15
N PRO B 134 13.21 21.42 19.27
CA PRO B 134 13.49 22.60 20.12
C PRO B 134 14.93 22.68 20.60
N SER B 135 15.54 21.55 20.94
CA SER B 135 16.95 21.53 21.34
C SER B 135 17.88 22.05 20.26
N GLY B 136 17.40 22.17 19.01
CA GLY B 136 18.25 22.49 17.89
C GLY B 136 18.73 21.27 17.11
N SER B 137 18.49 20.07 17.61
CA SER B 137 18.78 18.87 16.85
C SER B 137 17.74 18.69 15.74
N ASN B 138 18.13 17.93 14.72
CA ASN B 138 17.27 17.69 13.56
C ASN B 138 16.98 16.20 13.42
N MET B 139 15.81 15.90 12.86
CA MET B 139 15.46 14.55 12.41
C MET B 139 15.36 14.57 10.88
N LYS B 140 15.94 13.57 10.25
CA LYS B 140 15.98 13.48 8.78
C LYS B 140 15.00 12.41 8.30
N CYS B 141 14.19 12.77 7.31
CA CYS B 141 13.34 11.79 6.64
C CYS B 141 14.17 11.10 5.57
N ILE B 142 14.36 9.80 5.71
CA ILE B 142 15.30 9.03 4.91
C ILE B 142 14.53 8.35 3.79
N PRO B 143 14.81 8.66 2.52
CA PRO B 143 14.08 8.03 1.42
C PRO B 143 14.21 6.51 1.47
N SER B 144 13.07 5.82 1.36
CA SER B 144 13.00 4.37 1.51
C SER B 144 12.06 3.76 0.47
N HIS B 145 11.93 4.42 -0.69
CA HIS B 145 10.91 4.06 -1.66
C HIS B 145 11.13 2.66 -2.21
N PHE B 146 10.01 1.98 -2.48
CA PHE B 146 9.98 0.64 -3.07
C PHE B 146 10.59 -0.40 -2.13
N MET B 147 10.55 -0.14 -0.83
CA MET B 147 11.00 -1.10 0.18
C MET B 147 10.00 -1.20 1.33
N HIS B 148 8.73 -1.53 1.05
CA HIS B 148 8.24 -1.97 -0.25
C HIS B 148 7.35 -0.92 -0.94
N SER B 149 6.85 0.05 -0.16
CA SER B 149 5.87 1.00 -0.69
C SER B 149 6.53 2.00 -1.63
N PRO B 150 5.84 2.42 -2.70
CA PRO B 150 6.44 3.36 -3.64
C PRO B 150 6.77 4.71 -3.03
N GLY B 151 6.07 5.11 -1.98
CA GLY B 151 6.37 6.33 -1.26
C GLY B 151 6.59 6.08 0.21
N GLN B 152 7.85 6.02 0.63
CA GLN B 152 8.16 5.53 1.97
C GLN B 152 9.41 6.22 2.50
N PHE B 153 9.42 6.49 3.81
CA PHE B 153 10.55 7.13 4.46
C PHE B 153 10.85 6.46 5.79
N GLY B 154 12.13 6.46 6.16
CA GLY B 154 12.54 6.28 7.53
C GLY B 154 12.73 7.63 8.21
N LEU B 155 13.01 7.58 9.52
CA LEU B 155 13.25 8.80 10.28
C LEU B 155 14.52 8.61 11.10
N TYR B 156 15.53 9.43 10.81
CA TYR B 156 16.81 9.36 11.48
C TYR B 156 16.88 10.45 12.55
N ASP B 157 16.96 10.03 13.82
CA ASP B 157 17.11 10.95 14.95
C ASP B 157 18.59 11.24 15.11
N GLU B 158 19.04 12.39 14.59
CA GLU B 158 20.46 12.70 14.56
C GLU B 158 21.05 12.74 15.96
N ARG B 159 20.31 13.28 16.94
CA ARG B 159 20.86 13.44 18.29
C ARG B 159 21.19 12.10 18.93
N SER B 160 20.31 11.11 18.77
CA SER B 160 20.54 9.78 19.29
C SER B 160 21.28 8.86 18.33
N ARG B 161 21.34 9.22 17.04
CA ARG B 161 21.87 8.34 15.98
C ARG B 161 21.06 7.06 15.85
N ILE B 162 19.76 7.14 16.15
CA ILE B 162 18.84 6.02 15.99
C ILE B 162 18.04 6.23 14.71
N LEU B 163 18.07 5.24 13.81
CA LEU B 163 17.28 5.25 12.60
C LEU B 163 16.01 4.41 12.80
N PHE B 164 14.85 5.07 12.75
CA PHE B 164 13.59 4.35 12.67
C PHE B 164 13.39 3.94 11.22
N SER B 165 13.39 2.64 10.94
CA SER B 165 13.42 2.15 9.57
C SER B 165 12.06 1.67 9.06
N GLY B 166 11.02 1.74 9.89
CA GLY B 166 9.72 1.26 9.44
C GLY B 166 9.73 -0.24 9.20
N ASP B 167 9.30 -0.66 7.99
CA ASP B 167 9.25 -2.07 7.64
C ASP B 167 10.62 -2.66 7.37
N ILE B 168 11.62 -1.82 7.09
CA ILE B 168 12.94 -2.31 6.75
C ILE B 168 13.60 -2.86 8.00
N GLY B 169 14.04 -4.12 7.94
CA GLY B 169 14.59 -4.82 9.08
C GLY B 169 13.56 -5.40 10.01
N ALA B 170 12.27 -5.26 9.70
CA ALA B 170 11.22 -5.67 10.62
C ALA B 170 10.98 -7.19 10.56
N ALA B 171 10.66 -7.76 11.71
CA ALA B 171 10.15 -9.13 11.81
C ALA B 171 8.62 -9.03 11.82
N VAL B 172 8.05 -8.86 10.64
CA VAL B 172 6.61 -8.72 10.46
C VAL B 172 5.87 -10.03 10.66
N PHE B 173 6.61 -11.11 10.93
CA PHE B 173 6.13 -12.47 11.15
C PHE B 173 5.64 -13.13 9.87
N ASP B 174 5.24 -12.33 8.89
CA ASP B 174 4.99 -12.90 7.58
C ASP B 174 6.09 -12.47 6.62
N GLU B 178 12.62 -13.49 21.48
CA GLU B 178 11.95 -12.26 21.08
C GLU B 178 12.38 -11.11 21.97
N THR B 179 13.69 -10.96 22.13
CA THR B 179 14.26 -9.99 23.05
C THR B 179 14.15 -8.58 22.46
N THR B 180 14.45 -7.59 23.31
CA THR B 180 14.44 -6.20 22.85
C THR B 180 15.39 -6.00 21.68
N PHE B 181 16.62 -6.52 21.80
CA PHE B 181 17.67 -6.28 20.83
C PHE B 181 18.06 -7.58 20.16
N VAL B 182 18.52 -7.47 18.91
CA VAL B 182 19.07 -8.63 18.22
C VAL B 182 20.35 -9.04 18.93
N GLU B 183 20.40 -10.30 19.37
CA GLU B 183 21.56 -10.83 20.08
C GLU B 183 22.27 -11.94 19.32
N ASP B 184 21.61 -12.55 18.35
CA ASP B 184 22.17 -13.64 17.54
C ASP B 184 21.63 -13.39 16.13
N PHE B 185 22.49 -12.89 15.25
CA PHE B 185 22.02 -12.46 13.94
C PHE B 185 21.51 -13.65 13.12
N GLU B 186 22.25 -14.76 13.12
CA GLU B 186 21.83 -15.91 12.33
C GLU B 186 20.52 -16.49 12.85
N LYS B 187 20.28 -16.42 14.15
CA LYS B 187 19.01 -16.87 14.69
C LYS B 187 17.88 -15.91 14.33
N HIS B 188 18.19 -14.63 14.13
CA HIS B 188 17.18 -13.65 13.75
C HIS B 188 16.82 -13.73 12.27
N LEU B 189 17.73 -14.24 11.44
CA LEU B 189 17.53 -14.18 9.98
C LEU B 189 16.24 -14.86 9.51
N PRO B 190 15.85 -16.05 9.99
CA PRO B 190 14.58 -16.63 9.52
C PRO B 190 13.37 -15.74 9.79
N LEU B 191 13.44 -14.85 10.79
CA LEU B 191 12.31 -14.00 11.11
C LEU B 191 12.13 -12.85 10.11
N ILE B 192 13.17 -12.50 9.36
CA ILE B 192 13.11 -11.35 8.47
C ILE B 192 13.39 -11.71 7.01
N GLU B 193 14.02 -12.84 6.71
CA GLU B 193 14.49 -13.10 5.34
C GLU B 193 13.33 -13.19 4.36
N GLY B 194 12.31 -13.99 4.69
CA GLY B 194 11.22 -14.20 3.74
C GLY B 194 10.51 -12.91 3.38
N PHE B 195 10.26 -12.05 4.37
CA PHE B 195 9.63 -10.77 4.12
C PHE B 195 10.47 -9.93 3.16
N HIS B 196 11.79 -9.85 3.40
CA HIS B 196 12.62 -8.95 2.60
C HIS B 196 12.83 -9.49 1.19
N VAL B 197 13.00 -10.81 1.05
CA VAL B 197 13.24 -11.39 -0.27
C VAL B 197 12.02 -11.22 -1.17
N ARG B 198 10.81 -11.30 -0.60
CA ARG B 198 9.61 -11.23 -1.42
C ARG B 198 9.04 -9.80 -1.55
N TYR B 199 9.19 -8.97 -0.52
CA TYR B 199 8.53 -7.66 -0.53
C TYR B 199 9.42 -6.52 -1.03
N MET B 200 10.72 -6.55 -0.75
CA MET B 200 11.61 -5.52 -1.27
C MET B 200 11.75 -5.66 -2.78
N ALA B 201 11.79 -4.52 -3.48
CA ALA B 201 11.55 -4.52 -4.92
C ALA B 201 12.69 -5.17 -5.71
N SER B 202 13.94 -4.95 -5.30
CA SER B 202 15.09 -5.42 -6.07
C SER B 202 16.36 -5.14 -5.27
N ASN B 203 17.41 -5.88 -5.59
CA ASN B 203 18.70 -5.57 -4.97
C ASN B 203 19.18 -4.18 -5.37
N LYS B 204 18.84 -3.72 -6.57
CA LYS B 204 19.24 -2.38 -7.01
C LYS B 204 18.81 -1.31 -6.01
N ILE B 205 17.55 -1.34 -5.58
CA ILE B 205 17.07 -0.32 -4.66
C ILE B 205 17.60 -0.59 -3.25
N VAL B 206 17.69 -1.86 -2.88
CA VAL B 206 18.03 -2.22 -1.52
C VAL B 206 19.50 -1.92 -1.22
N SER B 207 20.38 -2.15 -2.19
CA SER B 207 21.79 -1.82 -1.99
C SER B 207 22.04 -0.32 -2.01
N LYS B 208 21.28 0.42 -2.82
CA LYS B 208 21.40 1.88 -2.82
C LYS B 208 20.96 2.46 -1.48
N TRP B 209 19.91 1.90 -0.89
CA TRP B 209 19.45 2.34 0.43
C TRP B 209 20.52 2.11 1.50
N VAL B 210 21.16 0.95 1.48
CA VAL B 210 22.20 0.67 2.47
C VAL B 210 23.36 1.65 2.33
N GLU B 211 23.77 1.92 1.08
CA GLU B 211 24.84 2.88 0.83
C GLU B 211 24.47 4.25 1.38
N TYR B 212 23.22 4.65 1.23
CA TYR B 212 22.73 5.90 1.81
C TYR B 212 22.76 5.86 3.34
N VAL B 213 22.28 4.76 3.92
CA VAL B 213 22.18 4.66 5.38
C VAL B 213 23.56 4.58 6.03
N ARG B 214 24.53 3.92 5.38
CA ARG B 214 25.88 3.82 5.95
C ARG B 214 26.51 5.19 6.14
N ARG B 215 26.14 6.16 5.31
CA ARG B 215 26.68 7.51 5.44
C ARG B 215 26.06 8.27 6.61
N LEU B 216 24.81 7.95 6.96
CA LEU B 216 24.25 8.47 8.22
C LEU B 216 24.99 7.97 9.44
N ASN B 217 25.57 6.77 9.38
CA ASN B 217 26.30 6.14 10.47
C ASN B 217 25.38 5.99 11.69
N PRO B 218 24.31 5.21 11.58
CA PRO B 218 23.43 5.03 12.75
C PRO B 218 24.05 4.13 13.79
N LEU B 219 23.79 4.44 15.06
CA LEU B 219 24.13 3.52 16.14
C LEU B 219 23.07 2.46 16.35
N MET B 220 21.82 2.74 15.98
CA MET B 220 20.73 1.79 16.10
C MET B 220 19.84 1.87 14.87
N ILE B 221 19.30 0.72 14.48
CA ILE B 221 18.23 0.63 13.50
C ILE B 221 17.04 -0.01 14.20
N ALA B 222 15.97 0.75 14.37
CA ALA B 222 14.80 0.29 15.11
C ALA B 222 13.63 0.13 14.15
N PRO B 223 13.22 -1.10 13.84
CA PRO B 223 12.10 -1.30 12.93
C PRO B 223 10.76 -1.21 13.67
N GLN B 224 9.68 -1.17 12.88
CA GLN B 224 8.35 -1.05 13.46
C GLN B 224 7.94 -2.32 14.22
N HIS B 225 8.43 -3.48 13.79
CA HIS B 225 8.14 -4.75 14.43
C HIS B 225 9.41 -5.58 14.53
N GLY B 226 9.57 -6.31 15.64
CA GLY B 226 10.72 -7.15 15.82
C GLY B 226 11.84 -6.48 16.60
N ALA B 227 12.87 -7.26 16.89
CA ALA B 227 13.96 -6.78 17.73
C ALA B 227 14.75 -5.67 17.03
N ILE B 228 15.42 -4.86 17.85
CA ILE B 228 16.15 -3.67 17.41
C ILE B 228 17.61 -4.04 17.18
N TYR B 229 18.21 -3.48 16.12
CA TYR B 229 19.62 -3.70 15.83
C TYR B 229 20.48 -2.62 16.49
N LYS B 230 21.48 -3.06 17.27
CA LYS B 230 22.41 -2.15 17.92
C LYS B 230 23.78 -2.83 17.98
N ASP B 231 24.80 -2.04 18.26
CA ASP B 231 26.20 -2.49 18.35
C ASP B 231 26.56 -3.15 17.03
N GLU B 232 27.16 -4.34 17.03
CA GLU B 232 27.61 -4.99 15.81
C GLU B 232 26.46 -5.37 14.89
N GLN B 233 25.25 -5.54 15.42
CA GLN B 233 24.13 -5.99 14.61
C GLN B 233 23.66 -4.96 13.58
N VAL B 234 24.02 -3.69 13.76
CA VAL B 234 23.69 -2.69 12.74
C VAL B 234 24.41 -3.02 11.45
N ASN B 235 25.74 -3.21 11.52
CA ASN B 235 26.50 -3.54 10.32
C ASN B 235 26.15 -4.94 9.81
N ASN B 236 25.85 -5.88 10.71
CA ASN B 236 25.43 -7.21 10.28
C ASN B 236 24.16 -7.12 9.43
N PHE B 237 23.18 -6.33 9.87
CA PHE B 237 21.95 -6.20 9.09
C PHE B 237 22.21 -5.51 7.76
N LEU B 238 22.93 -4.38 7.79
CA LEU B 238 23.19 -3.62 6.57
C LEU B 238 24.01 -4.44 5.57
N ASN B 239 25.00 -5.20 6.05
CA ASN B 239 25.80 -6.03 5.16
C ASN B 239 24.94 -7.12 4.52
N TRP B 240 24.07 -7.75 5.31
CA TRP B 240 23.20 -8.78 4.78
C TRP B 240 22.23 -8.20 3.75
N LEU B 241 21.64 -7.04 4.06
CA LEU B 241 20.64 -6.46 3.15
C LEU B 241 21.28 -6.01 1.85
N SER B 242 22.46 -5.40 1.91
CA SER B 242 23.06 -4.82 0.72
C SER B 242 23.29 -5.85 -0.39
N GLY B 243 23.57 -7.09 -0.02
CA GLY B 243 23.73 -8.16 -0.99
C GLY B 243 22.50 -9.02 -1.22
N LEU B 244 21.35 -8.60 -0.71
CA LEU B 244 20.15 -9.46 -0.73
C LEU B 244 19.48 -9.41 -2.10
N LYS B 245 19.36 -10.57 -2.73
CA LYS B 245 18.57 -10.73 -3.93
C LYS B 245 17.08 -10.79 -3.57
N CYS B 246 16.27 -9.95 -4.20
CA CYS B 246 14.90 -9.76 -3.73
C CYS B 246 14.00 -9.31 -4.88
N GLY B 247 12.70 -9.56 -4.71
CA GLY B 247 11.68 -8.89 -5.49
C GLY B 247 11.75 -9.34 -6.94
N THR B 248 11.83 -8.38 -7.86
CA THR B 248 11.88 -8.69 -9.29
C THR B 248 13.19 -9.36 -9.71
N ASP B 249 14.19 -9.44 -8.82
CA ASP B 249 15.34 -10.28 -9.11
C ASP B 249 14.93 -11.73 -9.30
N TYR B 250 13.81 -12.14 -8.70
CA TYR B 250 13.24 -13.46 -8.89
C TYR B 250 12.02 -13.37 -9.77
N ILE B 251 12.13 -12.67 -10.91
CA ILE B 251 10.99 -12.44 -11.78
C ILE B 251 10.36 -13.74 -12.25
N GLU B 252 11.13 -14.84 -12.28
CA GLU B 252 10.59 -16.13 -12.69
C GLU B 252 9.52 -16.64 -11.73
N ASN B 253 9.52 -16.20 -10.48
CA ASN B 253 8.52 -16.62 -9.51
C ASN B 253 7.28 -15.73 -9.53
N LEU B 254 7.26 -14.67 -10.32
CA LEU B 254 6.18 -13.69 -10.27
C LEU B 254 5.18 -13.83 -11.39
N PHE B 255 5.39 -14.75 -12.33
CA PHE B 255 4.44 -14.98 -13.41
C PHE B 255 4.26 -16.46 -13.67
#